data_4LP5
#
_entry.id   4LP5
#
_cell.length_a   180.010
_cell.length_b   180.010
_cell.length_c   48.950
_cell.angle_alpha   90.00
_cell.angle_beta   90.00
_cell.angle_gamma   120.00
#
_symmetry.space_group_name_H-M   'P 65'
#
_entity_poly.entity_id   1
_entity_poly.type   'polypeptide(L)'
_entity_poly.pdbx_seq_one_letter_code
;GAMAQNITARIGEPLVLKCKGAPKKPPQRLEWKLNTGRTEAWKVLSPQGGGPWDSVARVLPNGSLFLPAVGIQDEGIFRC
QAMNRNGKETKSNYRVRVYQIPGKPEIVDSASELTAGVPNKVGTCVSEGSYPAGTLSWHLDGKPLVPNEKGVSVKEQTRR
HPETGLFTLQSELMVTPARGGDPRPTFSCSFSPGLPRHRALRTAPIQPRVWEPVPLEEVQLVVEPEGGAVAPGGTVTLTC
EVPAQPSPQIHWMKDGVPLPLPPSPVLILPEIGPQDQGTYSCVATHSSHGPQESRAVSISIIEP
;
_entity_poly.pdbx_strand_id   B,A
#
# COMPACT_ATOMS: atom_id res chain seq x y z
N ALA A 4 -4.08 -2.27 28.65
CA ALA A 4 -4.21 -3.02 27.41
C ALA A 4 -5.30 -2.38 26.58
N GLN A 5 -4.99 -2.11 25.31
CA GLN A 5 -5.84 -1.26 24.46
C GLN A 5 -7.36 -1.44 24.59
N ASN A 6 -8.04 -0.35 24.93
CA ASN A 6 -9.49 -0.36 25.02
C ASN A 6 -10.16 -0.42 23.65
N ILE A 7 -11.22 -1.21 23.54
CA ILE A 7 -11.91 -1.42 22.26
C ILE A 7 -13.44 -1.49 22.43
N THR A 8 -14.16 -0.67 21.66
CA THR A 8 -15.62 -0.69 21.66
C THR A 8 -16.19 -1.03 20.28
N ALA A 9 -17.18 -1.94 20.25
CA ALA A 9 -17.78 -2.37 18.98
C ALA A 9 -19.28 -2.58 19.10
N ARG A 10 -20.01 -2.25 18.04
CA ARG A 10 -21.47 -2.29 18.07
C ARG A 10 -22.04 -3.69 17.86
N ILE A 11 -22.92 -4.11 18.76
CA ILE A 11 -23.51 -5.43 18.72
C ILE A 11 -24.16 -5.69 17.36
N GLY A 12 -23.99 -6.90 16.83
CA GLY A 12 -24.57 -7.23 15.54
C GLY A 12 -23.79 -6.74 14.33
N GLU A 13 -22.62 -6.15 14.58
CA GLU A 13 -21.72 -5.73 13.52
C GLU A 13 -20.52 -6.67 13.48
N PRO A 14 -19.58 -6.44 12.57
CA PRO A 14 -18.41 -7.30 12.68
C PRO A 14 -17.25 -6.55 13.33
N LEU A 15 -16.19 -7.28 13.66
CA LEU A 15 -15.00 -6.67 14.23
C LEU A 15 -13.76 -7.52 13.95
N VAL A 16 -12.66 -6.85 13.58
CA VAL A 16 -11.40 -7.52 13.32
C VAL A 16 -10.31 -7.08 14.29
N LEU A 17 -9.63 -8.06 14.87
CA LEU A 17 -8.53 -7.78 15.79
C LEU A 17 -7.21 -8.17 15.16
N LYS A 18 -6.43 -7.16 14.78
CA LYS A 18 -5.19 -7.38 14.04
C LYS A 18 -4.12 -7.99 14.94
N CYS A 19 -3.71 -9.20 14.60
CA CYS A 19 -2.63 -9.87 15.32
C CYS A 19 -1.32 -9.19 14.96
N LYS A 20 -0.60 -8.73 15.97
CA LYS A 20 0.60 -7.93 15.76
C LYS A 20 1.82 -8.78 15.42
N GLY A 21 2.56 -8.37 14.40
CA GLY A 21 3.80 -9.03 14.05
C GLY A 21 3.65 -10.39 13.40
N ALA A 22 2.44 -10.69 12.93
CA ALA A 22 2.19 -11.97 12.28
C ALA A 22 2.22 -11.84 10.75
N PRO A 23 2.89 -12.79 10.08
CA PRO A 23 2.98 -12.82 8.62
C PRO A 23 1.61 -12.93 7.95
N LYS A 24 1.44 -12.28 6.80
CA LYS A 24 0.13 -12.14 6.15
C LYS A 24 -0.53 -13.44 5.69
N LYS A 25 0.29 -14.42 5.31
CA LYS A 25 -0.22 -15.70 4.85
C LYS A 25 0.62 -16.82 5.48
N PRO A 26 -0.02 -17.94 5.84
CA PRO A 26 0.64 -19.07 6.49
C PRO A 26 1.90 -19.55 5.75
N PRO A 27 2.85 -20.21 6.45
CA PRO A 27 2.83 -20.64 7.86
C PRO A 27 2.99 -19.52 8.88
N GLN A 28 2.17 -19.55 9.93
CA GLN A 28 2.26 -18.61 11.04
C GLN A 28 2.28 -19.34 12.38
N ARG A 29 3.04 -18.81 13.34
CA ARG A 29 3.05 -19.36 14.68
C ARG A 29 2.27 -18.43 15.61
N LEU A 30 0.94 -18.54 15.58
CA LEU A 30 0.07 -17.66 16.35
C LEU A 30 -0.88 -18.42 17.29
N GLU A 31 -1.43 -17.71 18.26
CA GLU A 31 -2.36 -18.30 19.21
C GLU A 31 -3.34 -17.26 19.72
N TRP A 32 -4.64 -17.57 19.63
CA TRP A 32 -5.68 -16.68 20.13
C TRP A 32 -6.31 -17.19 21.41
N LYS A 33 -6.10 -16.47 22.50
CA LYS A 33 -6.79 -16.73 23.75
C LYS A 33 -7.95 -15.75 23.83
N LEU A 34 -9.04 -16.15 24.47
CA LEU A 34 -10.16 -15.23 24.65
C LEU A 34 -11.00 -15.51 25.90
N ASN A 35 -11.19 -14.47 26.70
CA ASN A 35 -12.02 -14.56 27.89
C ASN A 35 -13.25 -13.68 27.70
N THR A 36 -14.42 -14.29 27.59
CA THR A 36 -15.66 -13.54 27.40
C THR A 36 -16.82 -14.17 28.13
N GLY A 37 -18.03 -13.85 27.69
CA GLY A 37 -19.22 -14.43 28.28
C GLY A 37 -19.46 -15.85 27.82
N ARG A 38 -19.07 -16.14 26.57
CA ARG A 38 -19.29 -17.46 26.00
C ARG A 38 -18.32 -18.50 26.56
N THR A 39 -17.17 -18.05 27.07
CA THR A 39 -16.18 -18.95 27.65
C THR A 39 -15.64 -18.45 28.97
N GLU A 40 -15.73 -19.30 30.00
CA GLU A 40 -15.19 -18.99 31.31
C GLU A 40 -14.29 -20.12 31.79
N ALA A 41 -12.99 -19.87 31.88
CA ALA A 41 -12.41 -18.56 31.62
C ALA A 41 -11.79 -18.43 30.22
N TRP A 42 -10.77 -19.23 29.94
CA TRP A 42 -10.02 -19.11 28.69
C TRP A 42 -10.32 -20.22 27.68
N LYS A 43 -10.42 -19.84 26.40
CA LYS A 43 -10.60 -20.79 25.31
C LYS A 43 -9.58 -20.51 24.21
N VAL A 44 -9.15 -21.56 23.51
CA VAL A 44 -8.21 -21.41 22.42
C VAL A 44 -8.71 -22.13 21.18
N LEU A 45 -8.51 -21.52 20.01
CA LEU A 45 -9.09 -22.03 18.79
C LEU A 45 -8.07 -22.62 17.82
N SER A 46 -8.44 -23.74 17.20
CA SER A 46 -7.65 -24.29 16.12
C SER A 46 -7.98 -23.48 14.86
N PRO A 47 -7.20 -23.65 13.78
CA PRO A 47 -7.58 -23.01 12.52
C PRO A 47 -8.93 -23.51 11.99
N GLN A 48 -9.29 -23.13 10.77
CA GLN A 48 -10.60 -23.43 10.20
C GLN A 48 -10.98 -24.90 10.29
N GLY A 49 -12.20 -25.16 10.74
CA GLY A 49 -12.71 -26.52 10.89
C GLY A 49 -14.22 -26.53 11.11
N GLY A 50 -14.78 -27.74 11.23
CA GLY A 50 -16.21 -27.90 11.37
C GLY A 50 -16.77 -27.45 12.71
N GLY A 51 -15.88 -27.23 13.67
CA GLY A 51 -16.28 -26.79 15.00
C GLY A 51 -17.17 -25.56 14.95
N PRO A 52 -18.10 -25.45 15.91
CA PRO A 52 -19.12 -24.40 15.95
C PRO A 52 -18.60 -22.99 16.26
N TRP A 53 -17.29 -22.83 16.38
CA TRP A 53 -16.70 -21.53 16.68
C TRP A 53 -16.37 -20.72 15.43
N ASP A 54 -16.48 -21.35 14.26
CA ASP A 54 -16.20 -20.68 13.01
C ASP A 54 -17.40 -19.83 12.57
N SER A 55 -18.48 -19.91 13.33
CA SER A 55 -19.64 -19.05 13.12
C SER A 55 -19.54 -17.86 14.07
N VAL A 56 -18.84 -18.07 15.19
CA VAL A 56 -18.73 -17.07 16.24
C VAL A 56 -17.47 -16.21 16.13
N ALA A 57 -16.30 -16.84 16.13
CA ALA A 57 -15.04 -16.13 15.95
C ALA A 57 -13.95 -17.03 15.39
N ARG A 58 -13.38 -16.63 14.25
CA ARG A 58 -12.41 -17.46 13.55
C ARG A 58 -11.22 -16.65 13.09
N VAL A 59 -10.12 -17.34 12.79
CA VAL A 59 -8.91 -16.68 12.33
C VAL A 59 -8.89 -16.60 10.81
N LEU A 60 -8.47 -15.46 10.30
CA LEU A 60 -8.39 -15.24 8.86
C LEU A 60 -7.00 -15.62 8.36
N PRO A 61 -6.86 -15.84 7.04
CA PRO A 61 -5.54 -16.01 6.43
C PRO A 61 -4.62 -14.89 6.86
N ASN A 62 -5.16 -13.68 6.90
CA ASN A 62 -4.43 -12.52 7.36
C ASN A 62 -3.78 -12.73 8.74
N GLY A 63 -4.34 -13.65 9.51
CA GLY A 63 -3.85 -13.95 10.84
C GLY A 63 -4.74 -13.35 11.91
N SER A 64 -5.45 -12.30 11.54
CA SER A 64 -6.34 -11.59 12.47
C SER A 64 -7.56 -12.41 12.81
N LEU A 65 -8.10 -12.18 14.01
CA LEU A 65 -9.32 -12.84 14.44
C LEU A 65 -10.50 -11.98 14.01
N PHE A 66 -11.59 -12.63 13.59
CA PHE A 66 -12.73 -11.91 13.04
C PHE A 66 -14.03 -12.56 13.45
N LEU A 67 -14.91 -11.77 14.08
CA LEU A 67 -16.23 -12.24 14.47
C LEU A 67 -17.30 -11.49 13.71
N PRO A 68 -18.20 -12.23 13.05
CA PRO A 68 -19.21 -11.70 12.13
C PRO A 68 -20.24 -10.86 12.85
N ALA A 69 -20.72 -11.37 13.98
CA ALA A 69 -21.75 -10.73 14.77
C ALA A 69 -21.29 -10.60 16.22
N VAL A 70 -20.63 -9.50 16.55
CA VAL A 70 -20.27 -9.24 17.93
C VAL A 70 -21.55 -9.10 18.75
N GLY A 71 -21.65 -9.84 19.85
CA GLY A 71 -22.82 -9.81 20.68
C GLY A 71 -22.52 -9.25 22.05
N ILE A 72 -23.36 -9.57 23.03
CA ILE A 72 -23.17 -9.12 24.40
C ILE A 72 -22.19 -10.04 25.14
N GLN A 73 -22.31 -11.33 24.89
CA GLN A 73 -21.50 -12.35 25.55
C GLN A 73 -20.07 -12.37 25.02
N ASP A 74 -19.69 -11.35 24.28
CA ASP A 74 -18.35 -11.26 23.72
C ASP A 74 -17.55 -10.14 24.38
N GLU A 75 -18.10 -9.56 25.43
CA GLU A 75 -17.36 -8.59 26.23
C GLU A 75 -16.30 -9.33 27.03
N GLY A 76 -15.09 -8.79 27.07
CA GLY A 76 -14.03 -9.38 27.86
C GLY A 76 -12.62 -9.05 27.39
N ILE A 77 -11.80 -10.10 27.29
CA ILE A 77 -10.38 -9.96 27.02
C ILE A 77 -9.95 -10.88 25.88
N PHE A 78 -9.22 -10.31 24.93
CA PHE A 78 -8.72 -11.06 23.79
C PHE A 78 -7.22 -10.93 23.67
N ARG A 79 -6.51 -12.06 23.73
CA ARG A 79 -5.06 -12.07 23.70
C ARG A 79 -4.55 -12.83 22.48
N CYS A 80 -3.44 -12.36 21.92
CA CYS A 80 -2.81 -13.02 20.78
C CYS A 80 -1.29 -12.98 20.87
N GLN A 81 -0.67 -14.14 21.02
CA GLN A 81 0.79 -14.24 21.10
C GLN A 81 1.34 -14.74 19.76
N ALA A 82 2.29 -14.00 19.19
CA ALA A 82 2.80 -14.33 17.86
C ALA A 82 4.31 -14.57 17.83
N MET A 83 4.76 -15.24 16.77
CA MET A 83 6.17 -15.60 16.61
C MET A 83 6.66 -15.46 15.17
N ASN A 84 7.69 -14.65 14.96
CA ASN A 84 8.39 -14.63 13.69
C ASN A 84 9.31 -15.83 13.60
N ARG A 85 9.98 -16.01 12.46
CA ARG A 85 10.91 -17.12 12.30
C ARG A 85 12.13 -16.96 13.21
N ASN A 86 12.55 -15.72 13.41
CA ASN A 86 13.73 -15.43 14.22
C ASN A 86 13.47 -15.54 15.72
N GLY A 87 12.19 -15.62 16.09
CA GLY A 87 11.80 -15.80 17.47
C GLY A 87 11.29 -14.51 18.12
N LYS A 88 11.26 -13.44 17.36
CA LYS A 88 10.83 -12.14 17.86
C LYS A 88 9.39 -12.18 18.35
N GLU A 89 9.22 -12.22 19.67
CA GLU A 89 7.89 -12.21 20.26
C GLU A 89 7.20 -10.87 20.07
N THR A 90 5.93 -10.92 19.65
CA THR A 90 5.11 -9.74 19.55
C THR A 90 3.69 -10.08 19.97
N LYS A 91 3.26 -9.55 21.11
CA LYS A 91 1.97 -9.90 21.69
C LYS A 91 0.92 -8.80 21.52
N SER A 92 -0.35 -9.18 21.67
CA SER A 92 -1.46 -8.24 21.55
C SER A 92 -2.51 -8.47 22.64
N ASN A 93 -2.84 -7.40 23.35
CA ASN A 93 -3.74 -7.49 24.47
C ASN A 93 -4.99 -6.61 24.30
N TYR A 94 -6.09 -7.22 23.87
CA TYR A 94 -7.31 -6.49 23.53
C TYR A 94 -8.40 -6.62 24.58
N ARG A 95 -8.81 -5.49 25.15
CA ARG A 95 -9.95 -5.43 26.05
C ARG A 95 -11.18 -5.00 25.26
N VAL A 96 -12.17 -5.88 25.19
CA VAL A 96 -13.34 -5.65 24.36
C VAL A 96 -14.61 -5.35 25.15
N ARG A 97 -15.28 -4.25 24.79
CA ARG A 97 -16.57 -3.92 25.35
C ARG A 97 -17.55 -3.60 24.23
N VAL A 98 -18.77 -4.09 24.35
CA VAL A 98 -19.77 -3.95 23.29
C VAL A 98 -20.88 -2.96 23.66
N TYR A 99 -21.32 -2.18 22.69
CA TYR A 99 -22.35 -1.19 22.92
C TYR A 99 -23.47 -1.29 21.90
N GLN A 100 -24.56 -0.60 22.19
CA GLN A 100 -25.70 -0.51 21.26
C GLN A 100 -26.51 0.77 21.55
N ILE A 101 -26.84 1.46 20.47
CA ILE A 101 -27.61 2.69 20.52
C ILE A 101 -29.10 2.38 20.41
N PRO A 102 -29.95 3.05 21.23
CA PRO A 102 -31.37 2.72 21.27
C PRO A 102 -32.14 3.65 20.36
N GLY A 103 -33.40 3.32 20.09
CA GLY A 103 -34.24 4.10 19.21
C GLY A 103 -34.42 5.52 19.74
N LYS A 104 -34.73 6.45 18.84
CA LYS A 104 -34.91 7.85 19.20
C LYS A 104 -35.84 7.91 20.40
N PRO A 105 -35.46 8.66 21.44
CA PRO A 105 -36.22 8.77 22.70
C PRO A 105 -37.55 9.48 22.51
N GLU A 106 -38.64 8.71 22.49
CA GLU A 106 -39.94 9.34 22.33
C GLU A 106 -40.56 9.62 23.69
N ILE A 107 -41.42 10.64 23.74
CA ILE A 107 -42.16 10.96 24.95
C ILE A 107 -43.58 10.42 24.80
N VAL A 108 -44.13 9.85 25.87
CA VAL A 108 -45.52 9.42 25.87
C VAL A 108 -46.26 10.02 27.05
N ASP A 109 -47.58 9.84 27.07
CA ASP A 109 -48.45 10.36 28.14
C ASP A 109 -48.24 11.86 28.40
N SER A 110 -47.81 12.59 27.39
CA SER A 110 -47.52 14.01 27.55
C SER A 110 -48.79 14.83 27.81
N ALA A 111 -48.60 16.06 28.26
CA ALA A 111 -49.71 16.95 28.60
C ALA A 111 -49.60 18.28 27.86
N SER A 112 -50.72 18.73 27.29
CA SER A 112 -50.76 19.93 26.47
C SER A 112 -50.97 21.20 27.30
N GLU A 113 -51.63 21.05 28.43
CA GLU A 113 -51.85 22.17 29.34
C GLU A 113 -51.53 21.78 30.76
N LEU A 114 -50.94 22.71 31.51
CA LEU A 114 -50.69 22.49 32.93
C LEU A 114 -50.96 23.76 33.74
N THR A 115 -51.33 23.57 35.00
CA THR A 115 -51.69 24.68 35.88
C THR A 115 -50.49 25.16 36.69
N ALA A 116 -50.50 26.44 37.05
CA ALA A 116 -49.37 27.05 37.75
C ALA A 116 -49.45 26.84 39.26
N GLY A 117 -50.29 25.91 39.69
CA GLY A 117 -50.51 25.69 41.10
C GLY A 117 -49.80 24.45 41.63
N VAL A 118 -50.32 23.29 41.25
CA VAL A 118 -49.87 22.02 41.82
C VAL A 118 -48.87 21.33 40.92
N PRO A 119 -48.16 20.31 41.45
CA PRO A 119 -47.31 19.51 40.57
C PRO A 119 -48.12 18.83 39.48
N ASN A 120 -47.60 18.90 38.25
CA ASN A 120 -48.22 18.25 37.11
C ASN A 120 -47.26 17.26 36.46
N LYS A 121 -47.80 16.15 35.97
CA LYS A 121 -47.04 15.19 35.18
C LYS A 121 -46.87 15.68 33.72
N VAL A 122 -45.66 16.12 33.39
CA VAL A 122 -45.36 16.56 32.03
C VAL A 122 -45.42 15.41 31.03
N GLY A 123 -44.81 14.29 31.37
CA GLY A 123 -44.83 13.13 30.50
C GLY A 123 -43.81 12.08 30.92
N THR A 124 -43.75 10.99 30.15
CA THR A 124 -42.85 9.89 30.46
C THR A 124 -41.90 9.60 29.30
N CYS A 125 -40.61 9.87 29.49
CA CYS A 125 -39.62 9.65 28.44
C CYS A 125 -39.28 8.17 28.33
N VAL A 126 -39.16 7.66 27.10
CA VAL A 126 -38.94 6.23 26.92
C VAL A 126 -37.87 5.92 25.87
N SER A 127 -36.84 5.19 26.29
CA SER A 127 -35.79 4.73 25.39
C SER A 127 -35.79 3.20 25.34
N GLU A 128 -35.71 2.63 24.15
CA GLU A 128 -35.87 1.19 23.97
C GLU A 128 -34.70 0.52 23.25
N GLY A 129 -34.06 -0.42 23.94
CA GLY A 129 -33.02 -1.24 23.33
C GLY A 129 -31.64 -0.62 23.32
N SER A 130 -31.08 -0.40 24.50
CA SER A 130 -29.75 0.21 24.62
C SER A 130 -28.75 -0.72 25.29
N TYR A 131 -27.49 -0.29 25.31
CA TYR A 131 -26.44 -0.99 26.06
C TYR A 131 -25.19 -0.11 26.12
N PRO A 132 -24.75 0.24 27.34
CA PRO A 132 -25.45 -0.02 28.61
C PRO A 132 -26.66 0.91 28.78
N ALA A 133 -27.26 0.92 29.96
CA ALA A 133 -28.47 1.70 30.19
C ALA A 133 -28.29 3.16 29.83
N GLY A 134 -27.44 3.86 30.56
CA GLY A 134 -27.23 5.28 30.30
C GLY A 134 -28.33 6.12 30.92
N THR A 135 -28.11 7.43 30.97
CA THR A 135 -29.02 8.33 31.65
C THR A 135 -30.18 8.78 30.77
N LEU A 136 -31.14 9.49 31.37
CA LEU A 136 -32.24 10.15 30.66
C LEU A 136 -32.47 11.52 31.29
N SER A 137 -31.91 12.55 30.70
CA SER A 137 -31.98 13.88 31.29
C SER A 137 -33.00 14.76 30.61
N TRP A 138 -33.80 15.48 31.39
CA TRP A 138 -34.76 16.43 30.84
C TRP A 138 -34.14 17.81 30.73
N HIS A 139 -34.69 18.64 29.86
CA HIS A 139 -34.12 19.96 29.60
C HIS A 139 -35.20 21.03 29.56
N LEU A 140 -34.83 22.23 29.99
CA LEU A 140 -35.76 23.36 29.96
C LEU A 140 -35.18 24.55 29.19
N ASP A 141 -35.83 24.89 28.09
CA ASP A 141 -35.40 25.99 27.23
C ASP A 141 -33.95 25.83 26.77
N GLY A 142 -33.58 24.60 26.43
CA GLY A 142 -32.24 24.32 25.97
C GLY A 142 -31.26 24.14 27.12
N LYS A 143 -31.69 24.48 28.33
CA LYS A 143 -30.85 24.36 29.51
C LYS A 143 -31.30 23.17 30.34
N PRO A 144 -30.38 22.55 31.09
CA PRO A 144 -30.66 21.36 31.89
C PRO A 144 -31.54 21.69 33.08
N LEU A 145 -32.11 20.69 33.73
CA LEU A 145 -32.88 20.95 34.94
C LEU A 145 -32.48 20.04 36.09
N VAL A 146 -32.74 20.46 37.32
CA VAL A 146 -32.39 19.67 38.50
C VAL A 146 -33.66 19.13 39.18
N PRO A 147 -33.65 17.84 39.53
CA PRO A 147 -34.82 17.13 40.06
C PRO A 147 -35.30 17.60 41.43
N ASN A 148 -34.39 17.92 42.34
CA ASN A 148 -34.82 18.28 43.68
C ASN A 148 -35.62 19.59 43.76
N GLU A 149 -34.99 20.69 43.38
CA GLU A 149 -35.64 22.00 43.38
C GLU A 149 -35.30 22.68 42.06
N LYS A 150 -36.11 23.62 41.58
CA LYS A 150 -37.24 24.21 42.30
C LYS A 150 -38.61 23.66 41.87
N GLY A 151 -39.28 22.99 42.80
CA GLY A 151 -40.62 22.46 42.53
C GLY A 151 -40.61 21.45 41.40
N VAL A 152 -39.55 20.64 41.36
CA VAL A 152 -39.36 19.64 40.33
C VAL A 152 -39.38 18.23 40.93
N SER A 153 -39.71 17.23 40.13
CA SER A 153 -39.68 15.84 40.55
C SER A 153 -39.28 14.97 39.36
N VAL A 154 -38.83 13.74 39.62
CA VAL A 154 -38.47 12.79 38.56
C VAL A 154 -38.75 11.38 39.05
N LYS A 155 -39.34 10.53 38.21
CA LYS A 155 -39.62 9.16 38.62
C LYS A 155 -39.00 8.12 37.70
N GLU A 156 -37.67 7.96 37.81
CA GLU A 156 -36.88 7.12 36.92
C GLU A 156 -37.15 5.61 37.04
N GLN A 157 -36.64 4.86 36.06
CA GLN A 157 -36.81 3.41 36.01
C GLN A 157 -35.79 2.78 35.04
N THR A 158 -35.66 1.45 35.07
CA THR A 158 -34.74 0.73 34.21
C THR A 158 -35.13 -0.75 34.16
N ARG A 159 -35.30 -1.29 32.97
CA ARG A 159 -35.59 -2.71 32.82
C ARG A 159 -34.49 -3.44 32.05
N ARG A 160 -34.72 -4.71 31.75
CA ARG A 160 -33.82 -5.48 30.88
C ARG A 160 -34.56 -6.63 30.22
N HIS A 161 -34.44 -6.73 28.91
CA HIS A 161 -35.07 -7.81 28.17
C HIS A 161 -34.28 -9.09 28.39
N PRO A 162 -34.92 -10.08 29.05
CA PRO A 162 -34.27 -11.35 29.45
C PRO A 162 -33.64 -12.11 28.28
N GLU A 163 -34.11 -11.86 27.07
CA GLU A 163 -33.61 -12.58 25.89
C GLU A 163 -32.46 -11.84 25.22
N THR A 164 -32.73 -10.62 24.77
CA THR A 164 -31.76 -9.86 24.00
C THR A 164 -30.71 -9.18 24.89
N GLY A 165 -31.00 -9.06 26.17
CA GLY A 165 -30.08 -8.43 27.10
C GLY A 165 -29.98 -6.92 26.94
N LEU A 166 -30.96 -6.33 26.26
CA LEU A 166 -31.00 -4.89 26.03
C LEU A 166 -31.84 -4.16 27.08
N PHE A 167 -31.55 -2.89 27.31
CA PHE A 167 -32.20 -2.12 28.38
C PHE A 167 -33.32 -1.21 27.89
N THR A 168 -34.21 -0.86 28.81
CA THR A 168 -35.30 0.08 28.54
C THR A 168 -35.41 1.05 29.71
N LEU A 169 -35.44 2.35 29.40
CA LEU A 169 -35.46 3.37 30.46
C LEU A 169 -36.71 4.23 30.41
N GLN A 170 -37.22 4.58 31.59
CA GLN A 170 -38.38 5.48 31.72
C GLN A 170 -38.09 6.61 32.70
N SER A 171 -38.45 7.82 32.34
CA SER A 171 -38.18 8.96 33.21
C SER A 171 -39.33 9.96 33.23
N GLU A 172 -40.40 9.62 33.97
CA GLU A 172 -41.56 10.50 34.15
C GLU A 172 -41.19 11.74 34.96
N LEU A 173 -41.56 12.91 34.43
CA LEU A 173 -41.22 14.20 35.05
C LEU A 173 -42.47 14.77 35.72
N MET A 174 -42.30 15.65 36.70
CA MET A 174 -43.40 16.39 37.32
C MET A 174 -42.94 17.79 37.72
N VAL A 175 -43.71 18.82 37.37
CA VAL A 175 -43.32 20.18 37.73
C VAL A 175 -44.42 21.05 38.35
N THR A 176 -43.98 22.04 39.12
CA THR A 176 -44.86 23.00 39.75
C THR A 176 -44.44 24.40 39.31
N PRO A 177 -45.15 24.94 38.31
CA PRO A 177 -44.83 26.24 37.71
C PRO A 177 -44.98 27.40 38.67
N ALA A 178 -43.94 28.22 38.81
CA ALA A 178 -43.99 29.39 39.67
C ALA A 178 -45.01 30.38 39.11
N ARG A 179 -45.82 30.95 40.00
CA ARG A 179 -46.87 31.88 39.60
C ARG A 179 -46.29 33.05 38.79
N GLY A 180 -47.01 33.47 37.76
CA GLY A 180 -46.60 34.58 36.92
C GLY A 180 -45.34 34.26 36.15
N GLY A 181 -45.06 32.97 36.01
CA GLY A 181 -43.89 32.52 35.28
C GLY A 181 -44.20 32.39 33.81
N ASP A 182 -43.27 31.85 33.05
CA ASP A 182 -43.43 31.76 31.61
C ASP A 182 -44.56 30.81 31.22
N PRO A 183 -45.54 31.33 30.45
CA PRO A 183 -46.65 30.52 29.97
C PRO A 183 -46.18 29.61 28.84
N ARG A 184 -45.04 29.93 28.27
CA ARG A 184 -44.46 29.13 27.19
C ARG A 184 -43.12 28.52 27.59
N PRO A 185 -43.16 27.43 28.39
CA PRO A 185 -41.92 26.69 28.65
C PRO A 185 -41.59 25.85 27.43
N THR A 186 -40.48 25.10 27.48
CA THR A 186 -40.15 24.20 26.39
C THR A 186 -39.37 23.02 26.93
N PHE A 187 -39.95 21.83 26.86
CA PHE A 187 -39.33 20.66 27.48
C PHE A 187 -38.79 19.65 26.48
N SER A 188 -37.59 19.15 26.75
CA SER A 188 -37.02 18.07 25.96
C SER A 188 -36.23 17.11 26.83
N CYS A 189 -36.28 15.84 26.48
CA CYS A 189 -35.61 14.78 27.19
C CYS A 189 -34.46 14.36 26.30
N SER A 190 -33.57 13.48 26.76
CA SER A 190 -32.48 12.97 25.92
C SER A 190 -31.76 11.77 26.51
N PHE A 191 -31.27 10.90 25.63
CA PHE A 191 -30.51 9.72 26.02
C PHE A 191 -29.05 10.04 25.76
N SER A 192 -28.19 9.78 26.74
CA SER A 192 -26.75 9.96 26.56
C SER A 192 -25.99 8.84 27.23
N PRO A 193 -25.35 7.98 26.43
CA PRO A 193 -24.57 6.87 27.01
C PRO A 193 -23.39 7.43 27.78
N GLY A 194 -22.74 6.60 28.58
CA GLY A 194 -21.69 7.06 29.48
C GLY A 194 -20.35 7.24 28.77
N LEU A 195 -20.22 6.61 27.61
CA LEU A 195 -18.99 6.63 26.83
C LEU A 195 -18.71 8.06 26.36
N PRO A 196 -17.44 8.38 26.04
CA PRO A 196 -17.09 9.74 25.59
C PRO A 196 -17.12 9.92 24.07
N ARG A 197 -18.10 9.32 23.39
CA ARG A 197 -18.22 9.51 21.94
C ARG A 197 -19.58 10.03 21.52
N HIS A 198 -20.56 9.12 21.40
CA HIS A 198 -21.85 9.47 20.81
C HIS A 198 -22.57 10.57 21.57
N ARG A 199 -23.06 11.54 20.81
CA ARG A 199 -23.80 12.66 21.35
C ARG A 199 -25.14 12.16 21.84
N ALA A 200 -25.82 12.99 22.61
CA ALA A 200 -27.13 12.64 23.11
C ALA A 200 -28.12 12.59 21.96
N LEU A 201 -29.13 11.73 22.10
CA LEU A 201 -30.26 11.74 21.18
C LEU A 201 -31.39 12.53 21.82
N ARG A 202 -31.62 13.76 21.37
CA ARG A 202 -32.67 14.58 21.95
C ARG A 202 -34.04 14.10 21.50
N THR A 203 -35.08 14.45 22.25
CA THR A 203 -36.43 14.22 21.77
C THR A 203 -36.93 15.51 21.17
N ALA A 204 -37.95 15.40 20.33
CA ALA A 204 -38.58 16.58 19.79
C ALA A 204 -39.23 17.33 20.95
N PRO A 205 -38.87 18.61 21.12
CA PRO A 205 -39.35 19.46 22.21
C PRO A 205 -40.86 19.57 22.24
N ILE A 206 -41.43 19.47 23.44
CA ILE A 206 -42.85 19.76 23.66
C ILE A 206 -42.96 21.08 24.41
N GLN A 207 -43.95 21.88 24.06
CA GLN A 207 -44.12 23.17 24.73
C GLN A 207 -45.58 23.45 25.08
N PRO A 208 -46.02 22.97 26.26
CA PRO A 208 -47.40 23.15 26.72
C PRO A 208 -47.58 24.53 27.28
N ARG A 209 -48.79 24.88 27.72
CA ARG A 209 -49.04 26.21 28.24
C ARG A 209 -49.34 26.20 29.75
N VAL A 210 -48.91 27.27 30.41
CA VAL A 210 -49.11 27.42 31.85
C VAL A 210 -50.26 28.39 32.16
N TRP A 211 -51.45 27.83 32.38
CA TRP A 211 -52.62 28.65 32.71
C TRP A 211 -52.74 28.84 34.21
N GLU A 212 -53.07 30.06 34.62
CA GLU A 212 -53.42 30.32 36.00
C GLU A 212 -54.72 29.56 36.29
N PRO A 213 -54.92 29.14 37.56
CA PRO A 213 -55.99 28.20 37.90
C PRO A 213 -57.42 28.71 37.68
N VAL A 214 -57.77 29.81 38.34
CA VAL A 214 -59.13 30.31 38.29
C VAL A 214 -59.18 31.81 38.14
N GLY B 1 -29.60 3.88 -7.92
CA GLY B 1 -28.25 4.14 -8.40
C GLY B 1 -28.09 5.51 -9.03
N ALA B 2 -27.09 5.69 -9.88
CA ALA B 2 -26.12 4.65 -10.20
C ALA B 2 -24.73 5.26 -10.25
N MET B 3 -23.83 4.69 -9.48
CA MET B 3 -22.44 5.13 -9.44
C MET B 3 -21.58 4.00 -8.91
N ALA B 4 -20.27 4.07 -9.14
CA ALA B 4 -19.37 3.06 -8.60
C ALA B 4 -18.36 3.69 -7.65
N GLN B 5 -18.16 3.06 -6.50
CA GLN B 5 -17.10 3.52 -5.61
C GLN B 5 -15.82 2.73 -5.85
N ASN B 6 -14.70 3.45 -5.95
CA ASN B 6 -13.42 2.79 -6.15
C ASN B 6 -12.83 2.25 -4.85
N ILE B 7 -12.66 0.94 -4.80
CA ILE B 7 -12.20 0.27 -3.59
C ILE B 7 -10.91 -0.51 -3.85
N THR B 8 -9.86 -0.18 -3.10
CA THR B 8 -8.58 -0.88 -3.21
C THR B 8 -8.35 -1.78 -2.01
N ALA B 9 -7.73 -2.94 -2.24
CA ALA B 9 -7.54 -3.93 -1.18
C ALA B 9 -6.32 -4.82 -1.43
N ARG B 10 -5.64 -5.22 -0.35
CA ARG B 10 -4.41 -6.00 -0.45
C ARG B 10 -4.61 -7.52 -0.32
N ILE B 11 -3.99 -8.26 -1.24
CA ILE B 11 -4.11 -9.71 -1.26
C ILE B 11 -3.65 -10.38 0.04
N GLY B 12 -4.37 -11.41 0.47
CA GLY B 12 -4.04 -12.12 1.69
C GLY B 12 -4.79 -11.53 2.87
N GLU B 13 -5.20 -10.28 2.71
CA GLU B 13 -5.94 -9.57 3.74
C GLU B 13 -7.45 -9.78 3.56
N PRO B 14 -8.27 -9.32 4.52
CA PRO B 14 -9.71 -9.40 4.29
C PRO B 14 -10.27 -8.08 3.79
N LEU B 15 -11.59 -8.02 3.60
CA LEU B 15 -12.27 -6.83 3.09
C LEU B 15 -13.79 -6.88 3.30
N VAL B 16 -14.34 -5.79 3.84
CA VAL B 16 -15.78 -5.64 4.01
C VAL B 16 -16.32 -4.50 3.14
N LEU B 17 -17.44 -4.76 2.45
CA LEU B 17 -18.12 -3.72 1.70
C LEU B 17 -19.50 -3.50 2.29
N LYS B 18 -19.81 -2.25 2.64
CA LYS B 18 -21.10 -1.96 3.26
C LYS B 18 -22.27 -2.20 2.32
N CYS B 19 -23.44 -2.40 2.90
CA CYS B 19 -24.67 -2.52 2.12
C CYS B 19 -25.60 -1.41 2.61
N LYS B 20 -25.37 -0.20 2.11
CA LYS B 20 -26.03 0.99 2.63
C LYS B 20 -27.56 0.93 2.56
N GLY B 21 -28.21 0.99 3.73
CA GLY B 21 -29.65 1.01 3.80
C GLY B 21 -30.26 -0.20 4.48
N ALA B 22 -29.42 -1.18 4.81
CA ALA B 22 -29.86 -2.42 5.44
C ALA B 22 -29.89 -2.30 6.96
N PRO B 23 -30.95 -2.81 7.59
CA PRO B 23 -31.00 -2.88 9.05
C PRO B 23 -29.78 -3.64 9.56
N LYS B 24 -29.25 -3.24 10.71
CA LYS B 24 -28.00 -3.81 11.22
C LYS B 24 -28.10 -5.30 11.56
N LYS B 25 -29.28 -5.89 11.35
CA LYS B 25 -29.51 -7.30 11.61
C LYS B 25 -30.65 -7.80 10.71
N PRO B 26 -30.86 -9.12 10.64
CA PRO B 26 -32.07 -9.62 9.99
C PRO B 26 -33.31 -9.35 10.85
N PRO B 27 -34.51 -9.34 10.24
CA PRO B 27 -34.84 -9.62 8.84
C PRO B 27 -34.42 -8.52 7.87
N GLN B 28 -33.78 -8.95 6.80
CA GLN B 28 -33.30 -8.04 5.75
C GLN B 28 -33.83 -8.40 4.38
N ARG B 29 -33.94 -7.39 3.51
CA ARG B 29 -34.29 -7.66 2.12
C ARG B 29 -33.19 -7.13 1.20
N LEU B 30 -32.08 -7.85 1.16
CA LEU B 30 -30.93 -7.45 0.34
C LEU B 30 -30.60 -8.45 -0.75
N GLU B 31 -29.66 -8.06 -1.61
CA GLU B 31 -29.18 -8.98 -2.63
C GLU B 31 -27.81 -8.55 -3.10
N TRP B 32 -26.86 -9.50 -3.05
CA TRP B 32 -25.51 -9.26 -3.53
C TRP B 32 -25.22 -9.97 -4.84
N LYS B 33 -25.12 -9.21 -5.92
CA LYS B 33 -24.66 -9.75 -7.18
C LYS B 33 -23.26 -9.23 -7.43
N LEU B 34 -22.46 -10.02 -8.13
CA LEU B 34 -21.05 -9.66 -8.34
C LEU B 34 -20.51 -10.23 -9.64
N ASN B 35 -19.59 -9.50 -10.25
CA ASN B 35 -18.82 -9.99 -11.39
C ASN B 35 -17.35 -9.81 -11.12
N THR B 36 -16.64 -10.92 -11.00
CA THR B 36 -15.21 -10.89 -10.75
C THR B 36 -14.50 -11.86 -11.66
N GLY B 37 -13.24 -12.15 -11.35
CA GLY B 37 -12.49 -13.17 -12.05
C GLY B 37 -12.87 -14.56 -11.58
N ARG B 38 -13.82 -14.62 -10.65
CA ARG B 38 -14.25 -15.89 -10.07
C ARG B 38 -15.67 -16.24 -10.52
N THR B 39 -16.32 -15.29 -11.18
CA THR B 39 -17.67 -15.52 -11.70
C THR B 39 -17.72 -15.35 -13.21
N GLU B 40 -18.40 -16.28 -13.87
CA GLU B 40 -18.57 -16.24 -15.31
C GLU B 40 -19.18 -14.90 -15.71
N ALA B 41 -20.45 -14.71 -15.35
CA ALA B 41 -21.14 -13.45 -15.63
C ALA B 41 -21.41 -12.63 -14.38
N TRP B 42 -22.47 -12.96 -13.67
CA TRP B 42 -22.91 -12.21 -12.50
C TRP B 42 -23.76 -13.11 -11.61
N LYS B 43 -23.15 -13.62 -10.54
CA LYS B 43 -23.84 -14.59 -9.68
C LYS B 43 -24.40 -13.92 -8.42
N VAL B 44 -25.59 -14.35 -8.01
CA VAL B 44 -26.14 -13.88 -6.75
C VAL B 44 -25.66 -14.76 -5.60
N LEU B 45 -25.92 -14.34 -4.37
CA LEU B 45 -25.41 -15.06 -3.21
C LEU B 45 -26.52 -15.48 -2.23
N SER B 46 -26.56 -16.77 -1.93
CA SER B 46 -27.53 -17.33 -1.00
C SER B 46 -27.08 -17.14 0.46
N PRO B 47 -27.98 -17.40 1.43
CA PRO B 47 -27.60 -17.35 2.85
C PRO B 47 -26.37 -18.18 3.17
N GLN B 48 -25.70 -17.87 4.27
CA GLN B 48 -24.49 -18.59 4.66
C GLN B 48 -24.76 -20.08 4.89
N GLY B 49 -24.19 -20.93 4.04
CA GLY B 49 -24.40 -22.35 4.13
C GLY B 49 -23.12 -23.15 4.00
N GLY B 50 -23.19 -24.29 3.33
CA GLY B 50 -22.03 -25.16 3.14
C GLY B 50 -21.35 -24.96 1.81
N GLY B 51 -21.68 -23.86 1.13
CA GLY B 51 -21.10 -23.57 -0.17
C GLY B 51 -19.64 -23.19 -0.07
N PRO B 52 -18.84 -23.60 -1.08
CA PRO B 52 -17.42 -23.24 -1.16
C PRO B 52 -17.22 -21.73 -1.13
N TRP B 53 -18.28 -20.98 -1.44
CA TRP B 53 -18.24 -19.53 -1.41
C TRP B 53 -18.18 -18.98 0.01
N ASP B 54 -18.37 -19.84 0.99
CA ASP B 54 -18.32 -19.45 2.40
C ASP B 54 -16.91 -19.13 2.85
N SER B 55 -15.93 -19.74 2.19
CA SER B 55 -14.53 -19.46 2.46
C SER B 55 -14.06 -18.29 1.61
N VAL B 56 -14.83 -18.01 0.56
CA VAL B 56 -14.46 -16.98 -0.42
C VAL B 56 -15.10 -15.63 -0.14
N ALA B 57 -16.42 -15.55 -0.30
CA ALA B 57 -17.13 -14.30 -0.08
C ALA B 57 -18.57 -14.56 0.32
N ARG B 58 -19.00 -13.97 1.43
CA ARG B 58 -20.36 -14.13 1.92
C ARG B 58 -20.87 -12.90 2.67
N VAL B 59 -22.15 -12.98 3.05
CA VAL B 59 -22.85 -11.86 3.67
C VAL B 59 -22.82 -11.92 5.20
N LEU B 60 -22.46 -10.80 5.81
CA LEU B 60 -22.42 -10.69 7.26
C LEU B 60 -23.82 -10.40 7.81
N PRO B 61 -24.05 -10.63 9.12
CA PRO B 61 -25.36 -10.35 9.69
C PRO B 61 -25.80 -8.92 9.43
N ASN B 62 -24.91 -7.95 9.64
CA ASN B 62 -25.26 -6.55 9.41
C ASN B 62 -25.46 -6.23 7.93
N GLY B 63 -25.39 -7.25 7.09
CA GLY B 63 -25.74 -7.10 5.69
C GLY B 63 -24.55 -6.99 4.76
N SER B 64 -23.42 -6.52 5.31
CA SER B 64 -22.22 -6.29 4.50
C SER B 64 -21.67 -7.56 3.87
N LEU B 65 -20.85 -7.39 2.84
CA LEU B 65 -20.17 -8.51 2.20
C LEU B 65 -18.71 -8.54 2.64
N PHE B 66 -18.23 -9.74 2.91
CA PHE B 66 -16.93 -9.92 3.55
C PHE B 66 -16.18 -11.06 2.87
N LEU B 67 -14.89 -10.87 2.65
CA LEU B 67 -14.05 -11.92 2.06
C LEU B 67 -12.77 -12.10 2.88
N PRO B 68 -12.56 -13.30 3.42
CA PRO B 68 -11.41 -13.60 4.29
C PRO B 68 -10.07 -13.27 3.65
N ALA B 69 -9.83 -13.81 2.46
CA ALA B 69 -8.58 -13.59 1.77
C ALA B 69 -8.87 -13.06 0.37
N VAL B 70 -8.90 -11.74 0.23
CA VAL B 70 -9.13 -11.11 -1.07
C VAL B 70 -8.10 -11.57 -2.09
N GLY B 71 -8.59 -12.09 -3.21
CA GLY B 71 -7.74 -12.69 -4.22
C GLY B 71 -7.51 -11.84 -5.45
N ILE B 72 -6.69 -12.37 -6.35
CA ILE B 72 -6.46 -11.76 -7.65
C ILE B 72 -7.73 -11.89 -8.49
N GLN B 73 -8.38 -13.05 -8.39
CA GLN B 73 -9.62 -13.31 -9.10
C GLN B 73 -10.80 -12.70 -8.36
N ASP B 74 -10.54 -11.64 -7.60
CA ASP B 74 -11.58 -10.95 -6.85
C ASP B 74 -11.82 -9.52 -7.33
N GLU B 75 -10.91 -8.99 -8.14
CA GLU B 75 -11.16 -7.72 -8.80
C GLU B 75 -12.45 -7.82 -9.60
N GLY B 76 -13.17 -6.72 -9.72
CA GLY B 76 -14.40 -6.72 -10.46
C GLY B 76 -15.40 -5.75 -9.88
N ILE B 77 -16.68 -6.09 -9.96
CA ILE B 77 -17.72 -5.18 -9.51
C ILE B 77 -18.73 -5.89 -8.62
N PHE B 78 -18.97 -5.30 -7.45
CA PHE B 78 -19.90 -5.85 -6.46
C PHE B 78 -21.12 -4.97 -6.31
N ARG B 79 -22.30 -5.57 -6.32
CA ARG B 79 -23.54 -4.80 -6.25
C ARG B 79 -24.47 -5.25 -5.12
N CYS B 80 -25.15 -4.27 -4.51
CA CYS B 80 -26.10 -4.54 -3.44
C CYS B 80 -27.36 -3.66 -3.54
N GLN B 81 -28.52 -4.32 -3.58
CA GLN B 81 -29.80 -3.62 -3.50
C GLN B 81 -30.42 -3.94 -2.14
N ALA B 82 -30.94 -2.91 -1.47
CA ALA B 82 -31.50 -3.09 -0.13
C ALA B 82 -32.87 -2.42 0.04
N MET B 83 -33.79 -3.12 0.70
CA MET B 83 -35.11 -2.59 1.00
C MET B 83 -35.35 -2.48 2.49
N ASN B 84 -35.84 -1.33 2.95
CA ASN B 84 -36.22 -1.17 4.34
C ASN B 84 -37.57 -1.83 4.59
N ARG B 85 -38.23 -1.45 5.67
CA ARG B 85 -39.62 -1.86 5.89
C ARG B 85 -40.55 -1.01 5.05
N ASN B 86 -40.15 0.24 4.82
CA ASN B 86 -40.85 1.10 3.87
C ASN B 86 -40.28 0.86 2.47
N GLY B 87 -40.87 1.51 1.47
CA GLY B 87 -40.46 1.32 0.09
C GLY B 87 -39.02 1.74 -0.20
N LYS B 88 -38.36 2.27 0.83
CA LYS B 88 -36.97 2.70 0.76
C LYS B 88 -36.07 1.67 0.09
N GLU B 89 -35.50 2.05 -1.05
CA GLU B 89 -34.59 1.16 -1.76
C GLU B 89 -33.28 1.86 -2.05
N THR B 90 -32.20 1.34 -1.47
CA THR B 90 -30.89 1.96 -1.66
C THR B 90 -29.92 1.01 -2.34
N LYS B 91 -29.13 1.55 -3.26
CA LYS B 91 -28.16 0.74 -3.99
C LYS B 91 -26.73 1.09 -3.60
N SER B 92 -25.89 0.07 -3.51
CA SER B 92 -24.48 0.25 -3.30
C SER B 92 -23.73 -0.59 -4.31
N ASN B 93 -22.71 0.00 -4.93
CA ASN B 93 -21.82 -0.79 -5.77
C ASN B 93 -20.40 -0.27 -5.83
N TYR B 94 -19.45 -1.20 -5.83
CA TYR B 94 -18.05 -0.87 -5.70
C TYR B 94 -17.26 -1.63 -6.74
N ARG B 95 -16.47 -0.92 -7.55
CA ARG B 95 -15.50 -1.58 -8.42
C ARG B 95 -14.18 -1.79 -7.65
N VAL B 96 -13.88 -3.05 -7.36
CA VAL B 96 -12.73 -3.41 -6.54
C VAL B 96 -11.44 -3.63 -7.33
N ARG B 97 -10.41 -2.89 -6.96
CA ARG B 97 -9.08 -3.05 -7.54
C ARG B 97 -8.18 -3.59 -6.44
N VAL B 98 -7.45 -4.67 -6.72
CA VAL B 98 -6.56 -5.22 -5.70
C VAL B 98 -5.10 -5.02 -6.05
N TYR B 99 -4.23 -5.29 -5.09
CA TYR B 99 -2.80 -5.10 -5.26
C TYR B 99 -2.02 -5.96 -4.28
N GLN B 100 -0.69 -5.91 -4.40
CA GLN B 100 0.21 -6.63 -3.51
C GLN B 100 1.62 -6.04 -3.64
N ILE B 101 2.23 -5.74 -2.50
CA ILE B 101 3.53 -5.08 -2.49
C ILE B 101 4.65 -6.09 -2.70
N PRO B 102 5.69 -5.69 -3.47
CA PRO B 102 6.81 -6.59 -3.76
C PRO B 102 7.86 -6.52 -2.67
N GLY B 103 8.88 -7.38 -2.74
CA GLY B 103 10.00 -7.31 -1.82
C GLY B 103 10.85 -6.12 -2.16
N LYS B 104 11.80 -5.78 -1.29
CA LYS B 104 12.71 -4.68 -1.58
C LYS B 104 13.54 -5.07 -2.80
N PRO B 105 13.61 -4.19 -3.80
CA PRO B 105 14.33 -4.49 -5.04
C PRO B 105 15.82 -4.38 -4.83
N GLU B 106 16.58 -5.19 -5.56
CA GLU B 106 18.02 -5.27 -5.40
C GLU B 106 18.74 -5.08 -6.73
N ILE B 107 20.07 -5.00 -6.68
CA ILE B 107 20.86 -4.86 -7.89
C ILE B 107 21.83 -6.04 -8.04
N VAL B 108 21.69 -6.75 -9.16
CA VAL B 108 22.58 -7.86 -9.47
C VAL B 108 23.40 -7.57 -10.73
N ASP B 109 24.47 -8.32 -10.94
CA ASP B 109 25.34 -8.13 -12.09
C ASP B 109 25.86 -6.71 -12.18
N SER B 110 26.14 -6.11 -11.02
CA SER B 110 26.67 -4.75 -10.96
C SER B 110 28.14 -4.70 -11.37
N ALA B 111 28.59 -3.51 -11.77
CA ALA B 111 30.00 -3.32 -12.12
C ALA B 111 30.59 -2.14 -11.35
N SER B 112 31.72 -2.37 -10.70
CA SER B 112 32.35 -1.35 -9.87
C SER B 112 33.16 -0.38 -10.72
N GLU B 113 33.60 -0.85 -11.88
CA GLU B 113 34.35 -0.01 -12.79
C GLU B 113 33.65 0.14 -14.13
N LEU B 114 33.52 1.36 -14.58
CA LEU B 114 33.04 1.64 -15.92
C LEU B 114 33.95 2.69 -16.55
N THR B 115 34.19 2.54 -17.84
CA THR B 115 35.07 3.46 -18.55
C THR B 115 34.26 4.45 -19.36
N ALA B 116 34.83 5.63 -19.61
CA ALA B 116 34.15 6.66 -20.37
C ALA B 116 34.01 6.26 -21.83
N GLY B 117 33.29 7.05 -22.60
CA GLY B 117 33.26 6.91 -24.05
C GLY B 117 32.48 5.76 -24.65
N VAL B 118 32.09 4.80 -23.82
CA VAL B 118 31.41 3.61 -24.34
C VAL B 118 30.31 3.13 -23.40
N PRO B 119 29.30 2.45 -23.96
CA PRO B 119 28.17 1.91 -23.18
C PRO B 119 28.59 0.83 -22.18
N ASN B 120 28.44 1.13 -20.89
CA ASN B 120 28.73 0.16 -19.83
C ASN B 120 27.44 -0.33 -19.23
N LYS B 121 27.21 -1.63 -19.24
CA LYS B 121 26.05 -2.17 -18.54
C LYS B 121 26.29 -2.14 -17.03
N VAL B 122 25.62 -1.22 -16.33
CA VAL B 122 25.87 -0.99 -14.91
C VAL B 122 25.35 -2.13 -14.04
N GLY B 123 24.09 -2.51 -14.27
CA GLY B 123 23.46 -3.57 -13.51
C GLY B 123 22.02 -3.82 -13.92
N THR B 124 21.42 -4.87 -13.37
CA THR B 124 20.04 -5.22 -13.70
C THR B 124 19.18 -5.18 -12.43
N CYS B 125 18.26 -4.22 -12.37
CA CYS B 125 17.40 -4.05 -11.20
C CYS B 125 16.27 -5.07 -11.20
N VAL B 126 15.93 -5.60 -10.03
CA VAL B 126 14.99 -6.72 -9.96
C VAL B 126 13.92 -6.56 -8.86
N SER B 127 12.65 -6.63 -9.26
CA SER B 127 11.54 -6.62 -8.31
C SER B 127 10.74 -7.92 -8.40
N GLU B 128 10.28 -8.42 -7.27
CA GLU B 128 9.56 -9.70 -7.23
C GLU B 128 8.28 -9.63 -6.40
N GLY B 129 7.19 -10.17 -6.94
CA GLY B 129 5.94 -10.30 -6.20
C GLY B 129 5.06 -9.06 -6.21
N SER B 130 5.00 -8.40 -7.36
CA SER B 130 4.23 -7.16 -7.48
C SER B 130 2.92 -7.37 -8.24
N TYR B 131 1.88 -6.68 -7.81
CA TYR B 131 0.62 -6.65 -8.54
C TYR B 131 -0.04 -5.28 -8.34
N PRO B 132 -0.17 -4.50 -9.41
CA PRO B 132 0.32 -4.83 -10.75
C PRO B 132 1.81 -4.57 -10.88
N ALA B 133 2.34 -4.76 -12.08
CA ALA B 133 3.74 -4.48 -12.33
C ALA B 133 3.91 -2.97 -12.40
N GLY B 134 4.85 -2.46 -11.62
CA GLY B 134 5.10 -1.04 -11.65
C GLY B 134 6.36 -0.75 -12.43
N THR B 135 6.57 0.51 -12.77
CA THR B 135 7.78 0.91 -13.47
C THR B 135 8.97 0.69 -12.56
N LEU B 136 10.11 0.35 -13.17
CA LEU B 136 11.37 0.45 -12.47
C LEU B 136 12.13 1.60 -13.09
N SER B 137 12.56 2.53 -12.25
CA SER B 137 13.21 3.74 -12.73
C SER B 137 14.57 3.93 -12.08
N TRP B 138 15.51 4.46 -12.86
CA TRP B 138 16.88 4.64 -12.42
C TRP B 138 17.16 6.10 -12.11
N HIS B 139 17.79 6.36 -10.97
CA HIS B 139 18.09 7.71 -10.55
C HIS B 139 19.60 7.95 -10.46
N LEU B 140 20.01 9.20 -10.63
CA LEU B 140 21.40 9.60 -10.52
C LEU B 140 21.53 10.82 -9.61
N ASP B 141 22.35 10.70 -8.57
CA ASP B 141 22.52 11.75 -7.56
C ASP B 141 21.18 12.16 -6.93
N GLY B 142 20.30 11.18 -6.74
CA GLY B 142 18.98 11.42 -6.20
C GLY B 142 17.96 11.76 -7.28
N LYS B 143 18.46 12.08 -8.47
CA LYS B 143 17.60 12.54 -9.57
C LYS B 143 17.53 11.54 -10.73
N PRO B 144 16.33 11.31 -11.27
CA PRO B 144 16.11 10.32 -12.34
C PRO B 144 16.68 10.74 -13.68
N LEU B 145 16.50 9.88 -14.68
CA LEU B 145 17.03 10.12 -16.03
C LEU B 145 16.18 9.46 -17.12
N VAL B 146 16.26 10.03 -18.33
CA VAL B 146 15.49 9.55 -19.48
C VAL B 146 16.17 8.32 -20.10
N PRO B 147 15.38 7.37 -20.61
CA PRO B 147 16.03 6.22 -21.23
C PRO B 147 16.21 6.37 -22.76
N ASN B 148 16.66 7.55 -23.20
CA ASN B 148 16.87 7.79 -24.61
C ASN B 148 17.82 8.97 -24.81
N GLU B 149 18.85 8.77 -25.62
CA GLU B 149 19.83 9.80 -25.95
C GLU B 149 20.30 10.60 -24.73
N LYS B 150 21.01 9.91 -23.84
CA LYS B 150 21.63 10.56 -22.68
C LYS B 150 23.16 10.68 -22.71
N GLY B 151 23.91 9.62 -23.04
CA GLY B 151 23.42 8.31 -23.42
C GLY B 151 23.16 7.37 -22.26
N VAL B 152 21.90 6.96 -22.13
CA VAL B 152 21.45 6.07 -21.05
C VAL B 152 20.35 5.18 -21.59
N SER B 153 20.70 4.01 -22.11
CA SER B 153 19.70 3.07 -22.59
C SER B 153 19.21 2.19 -21.45
N VAL B 154 18.08 1.52 -21.65
CA VAL B 154 17.52 0.61 -20.66
C VAL B 154 16.81 -0.56 -21.32
N LYS B 155 17.13 -1.78 -20.89
CA LYS B 155 16.47 -2.97 -21.40
C LYS B 155 15.52 -3.55 -20.37
N GLU B 156 14.22 -3.32 -20.57
CA GLU B 156 13.21 -3.78 -19.63
C GLU B 156 12.61 -5.12 -20.04
N GLN B 157 12.09 -5.86 -19.05
CA GLN B 157 11.31 -7.05 -19.32
C GLN B 157 10.36 -7.30 -18.15
N THR B 158 9.35 -8.12 -18.37
CA THR B 158 8.32 -8.32 -17.36
C THR B 158 7.77 -9.73 -17.41
N ARG B 159 8.10 -10.52 -16.40
CA ARG B 159 7.62 -11.88 -16.31
C ARG B 159 6.39 -11.97 -15.41
N ARG B 160 5.65 -13.05 -15.51
CA ARG B 160 4.47 -13.26 -14.68
C ARG B 160 4.35 -14.70 -14.26
N HIS B 161 4.36 -14.93 -12.95
CA HIS B 161 4.17 -16.27 -12.41
C HIS B 161 2.81 -16.79 -12.85
N PRO B 162 2.78 -18.01 -13.40
CA PRO B 162 1.54 -18.62 -13.92
C PRO B 162 0.62 -19.12 -12.82
N GLU B 163 1.17 -19.45 -11.66
CA GLU B 163 0.37 -19.97 -10.55
C GLU B 163 -0.20 -18.85 -9.69
N THR B 164 0.61 -17.83 -9.44
CA THR B 164 0.17 -16.67 -8.71
C THR B 164 0.40 -15.42 -9.55
N GLY B 165 -0.66 -14.65 -9.77
CA GLY B 165 -0.61 -13.50 -10.65
C GLY B 165 0.52 -12.50 -10.46
N LEU B 166 1.20 -12.54 -9.31
CA LEU B 166 2.21 -11.52 -8.99
C LEU B 166 3.37 -11.48 -9.99
N PHE B 167 3.63 -10.29 -10.52
CA PHE B 167 4.66 -10.10 -11.53
C PHE B 167 6.06 -10.02 -10.95
N THR B 168 7.06 -10.30 -11.79
CA THR B 168 8.47 -10.11 -11.46
C THR B 168 9.08 -9.15 -12.48
N LEU B 169 9.88 -8.19 -12.03
CA LEU B 169 10.41 -7.16 -12.91
C LEU B 169 11.92 -7.22 -13.12
N GLN B 170 12.39 -6.60 -14.20
CA GLN B 170 13.81 -6.56 -14.51
C GLN B 170 14.16 -5.39 -15.44
N SER B 171 15.22 -4.67 -15.11
CA SER B 171 15.61 -3.48 -15.86
C SER B 171 17.13 -3.32 -15.96
N GLU B 172 17.68 -3.65 -17.13
CA GLU B 172 19.14 -3.55 -17.35
C GLU B 172 19.54 -2.15 -17.84
N LEU B 173 20.48 -1.52 -17.13
CA LEU B 173 20.88 -0.15 -17.42
C LEU B 173 22.24 -0.06 -18.13
N MET B 174 22.35 0.87 -19.08
CA MET B 174 23.62 1.15 -19.73
C MET B 174 23.83 2.66 -19.84
N VAL B 175 25.05 3.12 -19.65
CA VAL B 175 25.34 4.55 -19.69
C VAL B 175 26.67 4.84 -20.38
N THR B 176 26.82 6.06 -20.87
CA THR B 176 28.06 6.48 -21.51
C THR B 176 28.55 7.81 -20.95
N PRO B 177 29.42 7.75 -19.93
CA PRO B 177 29.97 8.93 -19.25
C PRO B 177 30.76 9.85 -20.17
N ALA B 178 30.30 11.08 -20.35
CA ALA B 178 31.07 12.07 -21.12
C ALA B 178 32.44 12.23 -20.48
N ARG B 179 33.43 12.60 -21.31
CA ARG B 179 34.79 12.74 -20.84
C ARG B 179 34.90 13.85 -19.79
N GLY B 180 35.80 13.65 -18.83
CA GLY B 180 36.01 14.62 -17.78
C GLY B 180 34.77 14.75 -16.90
N GLY B 181 33.96 13.70 -16.88
CA GLY B 181 32.74 13.69 -16.09
C GLY B 181 33.01 13.53 -14.61
N ASP B 182 32.00 13.07 -13.88
CA ASP B 182 32.10 12.91 -12.43
C ASP B 182 32.50 11.48 -12.08
N PRO B 183 33.77 11.29 -11.65
CA PRO B 183 34.28 9.94 -11.35
C PRO B 183 33.50 9.23 -10.24
N ARG B 184 32.69 9.98 -9.50
CA ARG B 184 31.85 9.39 -8.44
C ARG B 184 30.37 9.66 -8.69
N PRO B 185 29.75 8.88 -9.59
CA PRO B 185 28.30 8.97 -9.80
C PRO B 185 27.58 8.09 -8.78
N THR B 186 26.30 8.33 -8.56
CA THR B 186 25.54 7.55 -7.59
C THR B 186 24.20 7.11 -8.17
N PHE B 187 24.06 5.81 -8.48
CA PHE B 187 22.84 5.29 -9.07
C PHE B 187 21.97 4.56 -8.05
N SER B 188 20.67 4.53 -8.28
CA SER B 188 19.75 3.73 -7.47
C SER B 188 18.50 3.39 -8.28
N CYS B 189 17.96 2.20 -8.04
CA CYS B 189 16.73 1.79 -8.71
C CYS B 189 15.51 2.14 -7.84
N SER B 190 14.31 2.01 -8.40
CA SER B 190 13.09 2.33 -7.65
C SER B 190 11.82 1.77 -8.30
N PHE B 191 11.00 1.11 -7.51
CA PHE B 191 9.75 0.53 -7.97
C PHE B 191 8.63 1.49 -7.64
N SER B 192 7.73 1.73 -8.58
CA SER B 192 6.56 2.57 -8.31
C SER B 192 5.35 1.89 -8.89
N PRO B 193 4.29 1.72 -8.10
CA PRO B 193 3.15 0.86 -8.45
C PRO B 193 2.20 1.37 -9.54
N GLY B 194 2.18 2.68 -9.80
CA GLY B 194 1.30 3.24 -10.82
C GLY B 194 -0.01 3.71 -10.24
N LEU B 195 -0.43 3.03 -9.19
CA LEU B 195 -1.52 3.47 -8.35
C LEU B 195 -0.96 3.67 -6.95
N PRO B 196 -0.84 4.93 -6.51
CA PRO B 196 -0.12 5.22 -5.26
C PRO B 196 -0.68 4.44 -4.08
N ARG B 197 0.11 3.49 -3.59
CA ARG B 197 -0.27 2.80 -2.37
C ARG B 197 0.88 2.88 -1.39
N HIS B 198 1.98 2.22 -1.73
CA HIS B 198 3.19 2.35 -0.96
C HIS B 198 4.00 3.47 -1.56
N ARG B 199 5.04 3.90 -0.85
CA ARG B 199 6.04 4.75 -1.47
C ARG B 199 6.87 3.90 -2.41
N ALA B 200 7.75 4.53 -3.17
CA ALA B 200 8.68 3.80 -4.00
C ALA B 200 9.64 3.06 -3.09
N LEU B 201 10.23 1.98 -3.60
CA LEU B 201 11.23 1.23 -2.85
C LEU B 201 12.61 1.41 -3.49
N ARG B 202 13.34 2.42 -3.04
CA ARG B 202 14.66 2.71 -3.61
C ARG B 202 15.65 1.60 -3.26
N THR B 203 16.50 1.25 -4.22
CA THR B 203 17.55 0.28 -4.00
C THR B 203 18.73 0.97 -3.32
N ALA B 204 19.43 0.23 -2.47
CA ALA B 204 20.66 0.73 -1.87
C ALA B 204 21.59 1.22 -2.97
N PRO B 205 21.98 2.50 -2.89
CA PRO B 205 22.84 3.16 -3.89
C PRO B 205 24.11 2.39 -4.22
N ILE B 206 24.54 2.49 -5.48
CA ILE B 206 25.82 1.95 -5.89
C ILE B 206 26.70 3.09 -6.40
N GLN B 207 27.96 3.11 -5.98
CA GLN B 207 28.86 4.19 -6.34
C GLN B 207 30.11 3.69 -7.05
N PRO B 208 29.96 3.24 -8.31
CA PRO B 208 31.13 2.79 -9.06
C PRO B 208 31.98 3.98 -9.46
N ARG B 209 33.20 3.73 -9.91
CA ARG B 209 34.11 4.82 -10.22
C ARG B 209 34.50 4.88 -11.69
N VAL B 210 34.25 6.03 -12.31
CA VAL B 210 34.67 6.28 -13.68
C VAL B 210 36.16 6.52 -13.74
N TRP B 211 36.86 5.68 -14.51
CA TRP B 211 38.27 5.90 -14.77
C TRP B 211 38.45 6.20 -16.25
N GLU B 212 38.97 7.39 -16.53
CA GLU B 212 39.21 7.86 -17.88
C GLU B 212 40.31 7.08 -18.57
N PRO B 213 40.20 6.95 -19.90
CA PRO B 213 41.37 6.51 -20.67
C PRO B 213 42.27 7.73 -20.88
N VAL B 214 43.57 7.53 -20.83
CA VAL B 214 44.52 8.62 -21.01
C VAL B 214 45.29 8.39 -22.32
N PRO B 215 44.60 8.54 -23.46
CA PRO B 215 45.04 8.01 -24.76
C PRO B 215 46.40 8.50 -25.22
N LEU B 216 47.32 7.57 -25.44
CA LEU B 216 48.59 7.89 -26.09
C LEU B 216 48.35 8.02 -27.59
N GLU B 217 48.67 9.20 -28.13
CA GLU B 217 48.37 9.53 -29.52
C GLU B 217 49.03 8.59 -30.52
N GLU B 218 48.33 8.30 -31.60
CA GLU B 218 48.83 7.46 -32.68
C GLU B 218 50.07 8.07 -33.33
N VAL B 219 51.00 7.22 -33.76
CA VAL B 219 52.20 7.66 -34.46
C VAL B 219 52.00 7.65 -35.98
N GLN B 220 52.19 8.81 -36.59
CA GLN B 220 51.94 9.00 -38.01
C GLN B 220 53.22 8.76 -38.82
N LEU B 221 53.05 8.26 -40.04
CA LEU B 221 54.16 8.20 -40.99
C LEU B 221 53.67 8.33 -42.44
N VAL B 222 54.22 9.31 -43.15
CA VAL B 222 53.88 9.54 -44.55
C VAL B 222 54.90 8.89 -45.47
N VAL B 223 54.46 8.57 -46.68
CA VAL B 223 55.35 7.95 -47.67
C VAL B 223 55.24 8.71 -48.99
N GLU B 224 56.37 8.96 -49.64
CA GLU B 224 56.37 9.60 -50.96
C GLU B 224 56.74 8.61 -52.06
N PRO B 225 55.74 8.19 -52.85
CA PRO B 225 54.36 8.62 -52.68
C PRO B 225 53.57 7.59 -51.87
N GLU B 226 52.26 7.83 -51.72
CA GLU B 226 51.41 6.96 -50.92
C GLU B 226 51.57 5.48 -51.28
N GLY B 227 51.19 5.13 -52.50
CA GLY B 227 51.47 3.83 -53.06
C GLY B 227 51.06 2.63 -52.23
N GLY B 228 52.03 1.93 -51.66
CA GLY B 228 53.43 2.31 -51.80
C GLY B 228 54.15 1.65 -52.96
N ALA B 229 54.41 2.42 -54.01
CA ALA B 229 55.09 1.90 -55.19
C ALA B 229 55.92 2.98 -55.89
N VAL B 230 57.15 2.64 -56.24
CA VAL B 230 58.05 3.55 -56.95
C VAL B 230 58.77 2.79 -58.06
N ALA B 231 58.89 3.42 -59.22
CA ALA B 231 59.66 2.86 -60.31
C ALA B 231 61.10 2.68 -59.86
N PRO B 232 61.81 1.69 -60.43
CA PRO B 232 63.21 1.42 -60.07
C PRO B 232 64.08 2.67 -60.18
N GLY B 233 64.97 2.87 -59.22
CA GLY B 233 65.65 4.13 -59.06
C GLY B 233 64.72 5.08 -58.30
N GLY B 234 64.96 6.37 -58.40
CA GLY B 234 64.09 7.33 -57.74
C GLY B 234 64.23 7.25 -56.23
N THR B 235 63.19 7.64 -55.51
CA THR B 235 63.28 7.72 -54.05
C THR B 235 61.96 7.47 -53.31
N VAL B 236 62.01 6.58 -52.32
CA VAL B 236 60.95 6.45 -51.33
C VAL B 236 61.36 7.26 -50.10
N THR B 237 60.48 8.14 -49.65
CA THR B 237 60.80 8.97 -48.49
C THR B 237 59.84 8.70 -47.34
N LEU B 238 60.31 7.90 -46.37
CA LEU B 238 59.54 7.62 -45.18
C LEU B 238 59.84 8.69 -44.13
N THR B 239 58.79 9.37 -43.67
CA THR B 239 58.92 10.36 -42.61
C THR B 239 58.06 9.99 -41.41
N CYS B 240 58.63 10.10 -40.22
CA CYS B 240 57.92 9.73 -39.00
C CYS B 240 57.40 10.97 -38.28
N GLU B 241 56.21 10.86 -37.70
CA GLU B 241 55.62 11.96 -36.95
C GLU B 241 55.12 11.49 -35.59
N VAL B 242 55.63 12.11 -34.53
CA VAL B 242 55.18 11.81 -33.18
C VAL B 242 54.68 13.07 -32.50
N PRO B 243 53.42 13.04 -32.02
CA PRO B 243 52.75 14.19 -31.41
C PRO B 243 53.29 14.56 -30.03
N ALA B 244 53.54 13.55 -29.19
CA ALA B 244 53.92 13.75 -27.79
C ALA B 244 55.03 14.80 -27.61
N GLN B 245 56.24 14.44 -28.00
CA GLN B 245 57.37 15.38 -27.97
C GLN B 245 58.00 15.41 -29.36
N PRO B 246 57.99 16.60 -29.99
CA PRO B 246 58.43 16.81 -31.38
C PRO B 246 59.80 16.24 -31.75
N SER B 247 60.65 15.96 -30.75
CA SER B 247 62.03 15.57 -31.04
C SER B 247 62.48 14.24 -30.41
N PRO B 248 61.83 13.13 -30.78
CA PRO B 248 62.17 11.84 -30.14
C PRO B 248 63.24 11.07 -30.90
N GLN B 249 63.67 9.95 -30.33
CA GLN B 249 64.55 9.03 -31.04
C GLN B 249 63.72 8.03 -31.81
N ILE B 250 64.16 7.69 -33.02
CA ILE B 250 63.42 6.76 -33.86
C ILE B 250 64.33 5.67 -34.42
N HIS B 251 63.99 4.42 -34.11
CA HIS B 251 64.69 3.27 -34.68
C HIS B 251 63.87 2.68 -35.81
N TRP B 252 64.19 3.11 -37.02
CA TRP B 252 63.47 2.70 -38.22
C TRP B 252 63.54 1.22 -38.51
N MET B 253 62.41 0.54 -38.38
CA MET B 253 62.41 -0.92 -38.46
C MET B 253 61.64 -1.49 -39.64
N LYS B 254 62.40 -2.18 -40.50
CA LYS B 254 61.85 -3.03 -41.59
C LYS B 254 61.24 -4.28 -40.93
N ASP B 255 60.44 -5.08 -41.63
CA ASP B 255 59.60 -6.00 -40.84
C ASP B 255 59.79 -7.43 -41.32
N GLY B 256 59.84 -8.37 -40.38
CA GLY B 256 59.76 -8.05 -38.96
C GLY B 256 61.09 -8.06 -38.21
N VAL B 257 61.99 -7.17 -38.64
CA VAL B 257 63.33 -7.07 -38.08
C VAL B 257 63.87 -5.64 -38.14
N PRO B 258 64.28 -5.10 -36.99
CA PRO B 258 64.80 -3.72 -36.95
C PRO B 258 65.94 -3.50 -37.94
N LEU B 259 66.25 -2.25 -38.23
CA LEU B 259 67.33 -1.93 -39.15
C LEU B 259 68.45 -1.23 -38.41
N PRO B 260 69.68 -1.78 -38.50
CA PRO B 260 70.82 -1.15 -37.83
C PRO B 260 71.21 0.18 -38.46
N LEU B 261 70.65 1.27 -37.96
CA LEU B 261 70.93 2.60 -38.50
C LEU B 261 70.68 3.71 -37.46
N PRO B 262 71.34 4.88 -37.63
CA PRO B 262 71.22 6.02 -36.73
C PRO B 262 69.79 6.50 -36.49
N PRO B 263 69.55 7.28 -35.42
CA PRO B 263 68.19 7.72 -35.12
C PRO B 263 67.82 9.00 -35.86
N SER B 264 66.83 8.91 -36.75
CA SER B 264 66.36 10.06 -37.51
C SER B 264 64.85 10.00 -37.68
N PRO B 265 64.22 11.14 -38.00
CA PRO B 265 62.80 11.17 -38.34
C PRO B 265 62.57 11.08 -39.85
N VAL B 266 63.63 10.87 -40.63
CA VAL B 266 63.49 10.63 -42.06
C VAL B 266 64.24 9.39 -42.53
N LEU B 267 63.51 8.45 -43.12
CA LEU B 267 64.10 7.27 -43.72
C LEU B 267 63.94 7.34 -45.23
N ILE B 268 65.03 7.65 -45.93
CA ILE B 268 65.01 7.82 -47.38
C ILE B 268 65.82 6.75 -48.11
N LEU B 269 65.19 6.06 -49.05
CA LEU B 269 65.86 5.02 -49.82
C LEU B 269 65.89 5.33 -51.31
N PRO B 270 67.04 5.80 -51.81
CA PRO B 270 67.23 6.06 -53.24
C PRO B 270 67.64 4.79 -53.97
N GLU B 271 67.66 4.86 -55.30
CA GLU B 271 68.09 3.73 -56.14
C GLU B 271 67.46 2.41 -55.75
N ILE B 272 66.13 2.37 -55.72
CA ILE B 272 65.39 1.19 -55.30
C ILE B 272 65.68 -0.05 -56.15
N GLY B 273 65.86 -1.19 -55.49
CA GLY B 273 65.86 -2.49 -56.15
C GLY B 273 64.91 -3.39 -55.40
N PRO B 274 64.71 -4.62 -55.89
CA PRO B 274 63.81 -5.57 -55.21
C PRO B 274 64.38 -6.09 -53.89
N GLN B 275 65.61 -5.68 -53.55
CA GLN B 275 66.14 -5.90 -52.21
C GLN B 275 65.48 -4.90 -51.27
N ASP B 276 65.27 -3.69 -51.77
CA ASP B 276 64.64 -2.61 -51.01
C ASP B 276 63.14 -2.87 -50.80
N GLN B 277 62.61 -3.93 -51.39
CA GLN B 277 61.22 -4.29 -51.20
C GLN B 277 60.99 -4.85 -49.80
N GLY B 278 59.86 -4.48 -49.20
CA GLY B 278 59.51 -4.99 -47.89
C GLY B 278 58.50 -4.14 -47.13
N THR B 279 58.00 -4.69 -46.04
CA THR B 279 57.07 -4.01 -45.15
C THR B 279 57.83 -3.11 -44.18
N TYR B 280 57.43 -1.84 -44.06
CA TYR B 280 58.17 -0.96 -43.16
C TYR B 280 57.36 -0.46 -41.99
N SER B 281 58.05 0.15 -41.04
CA SER B 281 57.42 0.84 -39.93
C SER B 281 58.46 1.65 -39.19
N CYS B 282 58.00 2.51 -38.30
CA CYS B 282 58.92 3.24 -37.44
C CYS B 282 58.47 3.05 -36.00
N VAL B 283 59.43 3.02 -35.10
CA VAL B 283 59.14 2.91 -33.68
C VAL B 283 59.75 4.10 -32.95
N ALA B 284 59.07 4.55 -31.90
CA ALA B 284 59.60 5.58 -31.03
C ALA B 284 59.40 5.11 -29.59
N THR B 285 59.91 5.88 -28.63
CA THR B 285 59.83 5.46 -27.24
C THR B 285 59.84 6.62 -26.24
N HIS B 286 58.65 7.00 -25.76
CA HIS B 286 58.49 8.12 -24.85
C HIS B 286 57.17 8.06 -24.08
N SER B 287 57.17 7.50 -22.87
CA SER B 287 58.33 6.86 -22.24
C SER B 287 57.81 5.81 -21.25
N SER B 288 58.13 4.55 -21.52
CA SER B 288 57.64 3.41 -20.72
C SER B 288 56.12 3.43 -20.44
N HIS B 289 55.30 3.15 -21.45
CA HIS B 289 55.76 2.91 -22.81
C HIS B 289 55.93 4.24 -23.53
N GLY B 290 57.00 4.36 -24.30
CA GLY B 290 57.89 3.26 -24.60
C GLY B 290 57.68 2.88 -26.04
N PRO B 291 57.97 1.62 -26.40
CA PRO B 291 57.80 1.11 -27.76
C PRO B 291 56.43 1.44 -28.32
N GLN B 292 56.39 2.24 -29.38
CA GLN B 292 55.14 2.63 -30.01
C GLN B 292 55.21 2.45 -31.53
N GLU B 293 54.78 1.28 -31.99
CA GLU B 293 54.76 0.97 -33.41
C GLU B 293 53.77 1.87 -34.16
N SER B 294 53.87 1.89 -35.48
CA SER B 294 52.99 2.68 -36.32
C SER B 294 52.35 1.87 -37.44
N ARG B 295 51.73 2.55 -38.39
CA ARG B 295 51.08 1.88 -39.52
C ARG B 295 52.09 1.06 -40.32
N ALA B 296 51.88 -0.25 -40.33
CA ALA B 296 52.75 -1.17 -41.06
C ALA B 296 52.68 -0.91 -42.56
N VAL B 297 53.37 0.13 -43.02
CA VAL B 297 53.38 0.47 -44.44
C VAL B 297 54.15 -0.57 -45.26
N SER B 298 53.65 -0.88 -46.45
CA SER B 298 54.31 -1.83 -47.32
C SER B 298 54.80 -1.16 -48.60
N ILE B 299 56.01 -1.49 -49.04
CA ILE B 299 56.57 -0.91 -50.27
C ILE B 299 56.53 -1.93 -51.40
N SER B 300 56.18 -1.46 -52.60
CA SER B 300 56.08 -2.34 -53.77
C SER B 300 56.86 -1.78 -54.97
N ILE B 301 56.97 -2.61 -56.02
CA ILE B 301 57.60 -2.19 -57.26
C ILE B 301 56.53 -2.02 -58.35
N ILE B 302 56.73 -1.05 -59.23
CA ILE B 302 55.78 -0.80 -60.31
C ILE B 302 55.70 -1.98 -61.27
#